data_4CVB
#
_entry.id   4CVB
#
_cell.length_a   127.950
_cell.length_b   87.190
_cell.length_c   57.100
_cell.angle_alpha   90.00
_cell.angle_beta   90.16
_cell.angle_gamma   90.00
#
_symmetry.space_group_name_H-M   'C 1 2 1'
#
loop_
_entity.id
_entity.type
_entity.pdbx_description
1 polymer 'ALCOHOL DEHYDROGENASE'
2 non-polymer 'CALCIUM ION'
3 non-polymer 'PYRROLOQUINOLINE QUINONE'
4 non-polymer 'ZINC ION'
5 non-polymer 'CHLORIDE ION'
6 non-polymer 'PROPANOIC ACID'
7 water water
#
_entity_poly.entity_id   1
_entity_poly.type   'polypeptide(L)'
_entity_poly.pdbx_seq_one_letter_code
;AEPSKAGQSAIENFQPVTADDLAGKNPANWPILRGNYQGWGYSPLDQINKDNVGDLQLVWSRTMEPGSNEGAAIAYNGVI
FLGNTNDVIQAIDGKTGSLIWEYRRKLPSASKFINSLGAAKRSIALFGDKVYFVSWDNFVVALDAKTGKLAWETNRGQGV
EEGVANSSGPIVVDGVVIAGSTCQFSGFGCYVTGTDAESGEELWRNTFIPRPGEEGDDTWGGAPYENRWMTGAWGQITYD
PELDLVYYGSTGAGPASEVQRGTEGGTLAGTNTRFAVKPKTGEVVWKHQTLPRDNWDSECTFEMMVVSTSVNPDAKADGM
MSVGANVPRGETRKVLTGVPCKTGVAWQFDAKTGDYFWSKATVEQNSIASIDDTGLVTVNEDMILKEPGKTYNYCPTFLG
GRDWPSAGYLPKSNLYVIPLSNACYDVMARTTEATPADVYNTDATLVLAPGKTNMGRVDAIDLATGETKWSYETRAALYD
PVLTTGGDLVFVGGIDRDFRALDAESGKEVWSTRLPGAVSGYTTSYSIDGRQYVAVVSGGSLGGPTFGPTTPDVDSASGA
NGIYVFALPEKK
;
_entity_poly.pdbx_strand_id   A
#
loop_
_chem_comp.id
_chem_comp.type
_chem_comp.name
_chem_comp.formula
CA non-polymer 'CALCIUM ION' 'Ca 2'
CL non-polymer 'CHLORIDE ION' 'Cl -1'
PPI non-polymer 'PROPANOIC ACID' 'C3 H6 O2'
PQQ non-polymer 'PYRROLOQUINOLINE QUINONE' 'C14 H6 N2 O8'
ZN non-polymer 'ZINC ION' 'Zn 2'
#
# COMPACT_ATOMS: atom_id res chain seq x y z
N SER A 9 -20.03 20.74 16.98
CA SER A 9 -20.70 21.41 15.81
C SER A 9 -20.51 20.60 14.53
N ALA A 10 -19.25 20.37 14.13
CA ALA A 10 -18.95 19.51 12.97
C ALA A 10 -19.41 18.07 13.18
N ILE A 11 -19.20 17.54 14.38
CA ILE A 11 -19.53 16.15 14.72
C ILE A 11 -21.02 15.98 15.06
N GLU A 12 -21.72 17.10 15.19
CA GLU A 12 -23.07 17.13 15.74
C GLU A 12 -24.10 16.25 15.03
N ASN A 13 -24.22 16.34 13.72
CA ASN A 13 -25.34 15.62 13.14
C ASN A 13 -24.89 14.41 12.33
N PHE A 14 -24.01 13.62 12.95
CA PHE A 14 -23.29 12.56 12.26
C PHE A 14 -24.23 11.58 11.57
N GLN A 15 -24.01 11.38 10.27
CA GLN A 15 -24.81 10.45 9.51
C GLN A 15 -24.03 9.16 9.34
N PRO A 16 -24.68 8.01 9.56
CA PRO A 16 -24.04 6.70 9.41
C PRO A 16 -23.39 6.52 8.03
N VAL A 17 -22.18 5.96 8.01
CA VAL A 17 -21.41 5.70 6.78
C VAL A 17 -21.89 4.40 6.17
N THR A 18 -22.24 4.47 4.88
CA THR A 18 -22.77 3.31 4.19
C THR A 18 -21.81 2.85 3.08
N ALA A 19 -22.15 1.72 2.46
CA ALA A 19 -21.46 1.22 1.26
C ALA A 19 -21.39 2.28 0.13
N ASP A 20 -22.45 3.08 -0.03
CA ASP A 20 -22.45 4.17 -1.03
C ASP A 20 -21.33 5.17 -0.78
N ASP A 21 -21.12 5.56 0.49
CA ASP A 21 -20.00 6.43 0.86
C ASP A 21 -18.67 5.75 0.53
N LEU A 22 -18.54 4.49 0.91
CA LEU A 22 -17.24 3.82 0.80
C LEU A 22 -16.89 3.52 -0.67
N ALA A 23 -17.92 3.45 -1.51
CA ALA A 23 -17.73 3.31 -2.97
C ALA A 23 -17.34 4.65 -3.62
N GLY A 24 -17.15 5.68 -2.80
CA GLY A 24 -16.70 7.00 -3.26
C GLY A 24 -17.77 7.82 -3.98
N LYS A 25 -19.04 7.55 -3.68
CA LYS A 25 -20.15 8.19 -4.39
C LYS A 25 -20.31 9.68 -4.07
N ASN A 26 -19.80 10.10 -2.92
CA ASN A 26 -19.86 11.51 -2.53
C ASN A 26 -18.47 12.11 -2.61
N PRO A 27 -18.21 12.90 -3.66
CA PRO A 27 -16.82 13.36 -3.88
C PRO A 27 -16.36 14.42 -2.88
N ALA A 28 -17.30 15.01 -2.12
CA ALA A 28 -16.94 15.93 -1.03
C ALA A 28 -16.18 15.20 0.10
N ASN A 29 -16.29 13.88 0.15
CA ASN A 29 -15.70 13.07 1.23
C ASN A 29 -14.57 12.18 0.80
N TRP A 30 -13.79 11.70 1.77
CA TRP A 30 -12.70 10.76 1.50
C TRP A 30 -12.75 9.76 2.63
N PRO A 31 -13.75 8.86 2.58
CA PRO A 31 -14.09 8.09 3.78
C PRO A 31 -13.42 6.74 3.87
N ILE A 32 -12.39 6.52 3.04
CA ILE A 32 -11.66 5.27 2.97
C ILE A 32 -10.30 5.62 2.40
N LEU A 33 -9.29 4.79 2.70
CA LEU A 33 -7.89 5.12 2.41
C LEU A 33 -7.64 5.63 0.99
N ARG A 34 -8.20 4.94 -0.02
CA ARG A 34 -7.96 5.37 -1.41
C ARG A 34 -9.17 6.10 -2.04
N GLY A 35 -10.00 6.69 -1.19
CA GLY A 35 -11.16 7.51 -1.64
C GLY A 35 -12.38 6.69 -2.04
N ASN A 36 -12.14 5.52 -2.63
CA ASN A 36 -13.17 4.54 -2.92
C ASN A 36 -12.71 3.12 -2.62
N TYR A 37 -13.66 2.21 -2.44
CA TYR A 37 -13.39 0.79 -2.28
C TYR A 37 -12.39 0.26 -3.32
N GLN A 38 -12.56 0.72 -4.56
CA GLN A 38 -11.85 0.23 -5.72
C GLN A 38 -10.36 0.60 -5.80
N GLY A 39 -9.90 1.46 -4.89
CA GLY A 39 -8.47 1.74 -4.71
C GLY A 39 -7.92 2.83 -5.63
N TRP A 40 -8.78 3.69 -6.16
CA TRP A 40 -8.34 4.70 -7.13
C TRP A 40 -7.41 5.76 -6.63
N GLY A 41 -7.56 6.18 -5.37
CA GLY A 41 -6.71 7.25 -4.82
C GLY A 41 -7.00 8.57 -5.53
N TYR A 42 -8.25 8.71 -6.00
CA TYR A 42 -8.70 9.83 -6.81
C TYR A 42 -9.74 10.66 -6.07
N SER A 43 -9.60 11.99 -6.14
CA SER A 43 -10.71 12.88 -5.79
C SER A 43 -11.28 13.54 -7.06
N PRO A 44 -12.59 13.35 -7.31
CA PRO A 44 -13.26 14.06 -8.40
C PRO A 44 -13.30 15.59 -8.24
N LEU A 45 -12.99 16.10 -7.05
CA LEU A 45 -13.06 17.53 -6.78
C LEU A 45 -12.14 18.29 -7.72
N ASP A 46 -12.65 19.36 -8.31
CA ASP A 46 -11.94 20.04 -9.40
C ASP A 46 -11.82 21.56 -9.22
N GLN A 47 -12.08 22.05 -8.02
CA GLN A 47 -11.93 23.47 -7.74
C GLN A 47 -10.47 23.90 -7.92
N ILE A 48 -9.58 23.08 -7.35
CA ILE A 48 -8.16 23.27 -7.51
C ILE A 48 -7.71 22.59 -8.79
N ASN A 49 -7.07 23.36 -9.66
CA ASN A 49 -6.61 22.85 -10.96
C ASN A 49 -5.29 23.53 -11.35
N LYS A 50 -4.75 23.21 -12.54
CA LYS A 50 -3.42 23.72 -12.90
C LYS A 50 -3.35 25.25 -13.00
N ASP A 51 -4.49 25.90 -13.26
CA ASP A 51 -4.52 27.34 -13.43
C ASP A 51 -4.53 28.09 -12.08
N ASN A 52 -4.90 27.43 -10.99
CA ASN A 52 -4.91 28.11 -9.70
C ASN A 52 -4.10 27.44 -8.58
N VAL A 53 -3.55 26.28 -8.86
CA VAL A 53 -2.82 25.52 -7.84
C VAL A 53 -1.65 26.31 -7.27
N GLY A 54 -1.11 27.23 -8.08
CA GLY A 54 0.01 28.08 -7.67
C GLY A 54 -0.32 28.96 -6.48
N ASP A 55 -1.61 29.15 -6.22
CA ASP A 55 -2.06 29.98 -5.09
C ASP A 55 -2.34 29.23 -3.79
N LEU A 56 -2.09 27.91 -3.78
CA LEU A 56 -2.48 27.08 -2.64
C LEU A 56 -1.81 27.56 -1.38
N GLN A 57 -2.60 27.73 -0.32
CA GLN A 57 -2.04 28.20 0.93
C GLN A 57 -2.29 27.21 2.06
N LEU A 58 -1.43 27.24 3.07
CA LEU A 58 -1.65 26.46 4.28
C LEU A 58 -2.83 27.07 5.05
N VAL A 59 -3.88 26.29 5.28
CA VAL A 59 -5.04 26.78 6.06
C VAL A 59 -4.88 26.37 7.52
N TRP A 60 -4.57 25.09 7.72
CA TRP A 60 -4.40 24.56 9.06
C TRP A 60 -3.59 23.32 9.08
N SER A 61 -3.10 22.99 10.26
CA SER A 61 -2.23 21.85 10.44
C SER A 61 -2.32 21.44 11.89
N ARG A 62 -1.82 20.25 12.21
CA ARG A 62 -1.84 19.80 13.60
C ARG A 62 -0.78 18.76 13.82
N THR A 63 -0.11 18.85 14.95
CA THR A 63 0.94 17.92 15.35
C THR A 63 0.36 16.53 15.47
N MET A 64 1.14 15.53 15.07
CA MET A 64 0.76 14.14 15.21
C MET A 64 1.79 13.42 16.08
N GLU A 65 1.44 12.22 16.56
CA GLU A 65 2.34 11.45 17.40
C GLU A 65 3.67 11.09 16.71
N PRO A 66 4.76 10.97 17.48
CA PRO A 66 6.06 10.68 16.88
C PRO A 66 6.20 9.27 16.33
N GLY A 67 7.11 9.10 15.38
CA GLY A 67 7.36 7.79 14.78
C GLY A 67 7.11 7.82 13.28
N SER A 68 6.87 6.66 12.70
N SER A 68 6.86 6.65 12.71
CA SER A 68 6.73 6.54 11.26
CA SER A 68 6.70 6.52 11.26
C SER A 68 5.34 7.01 10.86
C SER A 68 5.33 7.01 10.86
N ASN A 69 5.28 8.16 10.20
CA ASN A 69 4.00 8.84 9.98
C ASN A 69 3.47 8.57 8.56
N GLU A 70 2.74 7.48 8.43
CA GLU A 70 2.28 7.03 7.12
C GLU A 70 0.78 7.10 6.93
N GLY A 71 0.07 7.71 7.86
CA GLY A 71 -1.39 7.72 7.84
C GLY A 71 -2.09 8.63 6.86
N ALA A 72 -3.41 8.69 6.99
CA ALA A 72 -4.29 9.38 6.02
C ALA A 72 -5.40 10.12 6.71
N ALA A 73 -5.68 11.33 6.23
CA ALA A 73 -6.83 12.11 6.69
C ALA A 73 -8.12 11.55 6.10
N ILE A 74 -8.81 10.72 6.86
CA ILE A 74 -10.11 10.17 6.41
C ILE A 74 -11.20 11.18 6.72
N ALA A 75 -11.72 11.80 5.65
CA ALA A 75 -12.63 12.95 5.72
C ALA A 75 -14.05 12.55 5.43
N TYR A 76 -14.96 13.01 6.30
CA TYR A 76 -16.35 12.64 6.15
C TYR A 76 -17.21 13.73 6.74
N ASN A 77 -17.92 14.45 5.87
CA ASN A 77 -18.88 15.48 6.28
C ASN A 77 -18.27 16.45 7.30
N GLY A 78 -17.07 16.94 6.94
CA GLY A 78 -16.44 18.05 7.66
C GLY A 78 -15.59 17.62 8.84
N VAL A 79 -15.44 16.31 9.02
CA VAL A 79 -14.67 15.76 10.15
C VAL A 79 -13.55 14.94 9.58
N ILE A 80 -12.34 15.13 10.11
CA ILE A 80 -11.21 14.29 9.74
C ILE A 80 -11.02 13.23 10.81
N PHE A 81 -10.95 11.98 10.38
CA PHE A 81 -10.63 10.87 11.26
C PHE A 81 -9.21 10.45 10.93
N LEU A 82 -8.35 10.44 11.95
CA LEU A 82 -6.92 10.39 11.72
C LEU A 82 -6.21 9.41 12.65
N GLY A 83 -5.72 8.33 12.06
CA GLY A 83 -4.92 7.40 12.83
C GLY A 83 -3.50 7.92 12.94
N ASN A 84 -3.06 8.17 14.17
CA ASN A 84 -1.66 8.49 14.44
C ASN A 84 -0.88 7.20 14.68
N THR A 85 0.41 7.32 14.95
CA THR A 85 1.15 6.20 15.52
C THR A 85 0.68 5.93 16.94
N ASN A 86 1.13 4.79 17.48
CA ASN A 86 0.93 4.46 18.90
C ASN A 86 -0.54 4.34 19.33
N ASP A 87 -1.40 3.99 18.37
CA ASP A 87 -2.83 3.76 18.63
C ASP A 87 -3.49 4.98 19.24
N VAL A 88 -3.07 6.16 18.75
CA VAL A 88 -3.73 7.42 19.04
C VAL A 88 -4.61 7.73 17.82
N ILE A 89 -5.91 7.87 18.06
CA ILE A 89 -6.86 8.11 16.98
C ILE A 89 -7.56 9.43 17.28
N GLN A 90 -7.67 10.30 16.28
CA GLN A 90 -8.27 11.63 16.49
C GLN A 90 -9.43 11.91 15.56
N ALA A 91 -10.40 12.67 16.03
CA ALA A 91 -11.31 13.36 15.13
C ALA A 91 -10.95 14.85 15.21
N ILE A 92 -10.87 15.48 14.05
CA ILE A 92 -10.47 16.88 13.93
C ILE A 92 -11.46 17.62 13.04
N ASP A 93 -11.81 18.86 13.40
CA ASP A 93 -12.67 19.70 12.55
C ASP A 93 -11.93 20.01 11.23
N GLY A 94 -12.52 19.59 10.11
CA GLY A 94 -11.80 19.61 8.82
C GLY A 94 -11.66 21.02 8.26
N LYS A 95 -12.39 21.93 8.86
CA LYS A 95 -12.36 23.33 8.44
C LYS A 95 -11.35 24.12 9.29
N THR A 96 -11.33 23.87 10.60
CA THR A 96 -10.56 24.72 11.54
C THR A 96 -9.29 24.07 12.06
N GLY A 97 -9.20 22.75 11.99
CA GLY A 97 -8.07 22.00 12.54
C GLY A 97 -8.13 21.79 14.05
N SER A 98 -9.28 22.12 14.66
CA SER A 98 -9.45 21.95 16.11
C SER A 98 -9.78 20.50 16.45
N LEU A 99 -9.08 19.97 17.46
CA LEU A 99 -9.32 18.60 17.93
C LEU A 99 -10.75 18.47 18.40
N ILE A 100 -11.45 17.41 17.95
CA ILE A 100 -12.83 17.11 18.39
C ILE A 100 -12.80 16.05 19.49
N TRP A 101 -12.11 14.96 19.21
CA TRP A 101 -11.85 13.94 20.23
C TRP A 101 -10.57 13.23 19.99
N GLU A 102 -10.05 12.57 21.03
CA GLU A 102 -8.84 11.77 20.89
C GLU A 102 -8.93 10.50 21.70
N TYR A 103 -8.62 9.36 21.08
CA TYR A 103 -8.52 8.10 21.79
C TYR A 103 -7.04 7.76 21.90
N ARG A 104 -6.60 7.36 23.09
CA ARG A 104 -5.19 7.02 23.31
C ARG A 104 -5.12 5.65 24.02
N ARG A 105 -4.73 4.62 23.28
CA ARG A 105 -4.71 3.25 23.82
C ARG A 105 -3.63 3.13 24.89
N LYS A 106 -3.93 2.40 25.96
CA LYS A 106 -2.90 2.04 26.94
C LYS A 106 -1.99 1.01 26.31
N LEU A 107 -0.70 1.32 26.22
CA LEU A 107 0.25 0.43 25.59
C LEU A 107 1.18 -0.17 26.62
N PRO A 108 1.54 -1.46 26.47
CA PRO A 108 2.63 -2.00 27.29
C PRO A 108 3.91 -1.33 26.82
N SER A 109 5.00 -1.50 27.58
CA SER A 109 6.28 -0.92 27.19
C SER A 109 6.61 -1.31 25.74
N ALA A 110 7.01 -0.32 24.93
CA ALA A 110 7.29 -0.53 23.51
C ALA A 110 8.28 -1.68 23.26
N SER A 111 9.16 -1.91 24.24
CA SER A 111 10.16 -2.97 24.18
C SER A 111 9.54 -4.35 24.17
N LYS A 112 8.29 -4.46 24.61
CA LYS A 112 7.59 -5.75 24.66
C LYS A 112 7.14 -6.20 23.27
N PHE A 113 6.94 -5.24 22.36
CA PHE A 113 6.53 -5.53 20.99
C PHE A 113 7.74 -5.92 20.14
N ILE A 114 7.77 -7.17 19.65
CA ILE A 114 8.85 -7.60 18.73
C ILE A 114 8.66 -7.06 17.30
N ASN A 115 7.47 -6.53 17.03
CA ASN A 115 7.15 -6.00 15.72
C ASN A 115 6.76 -4.53 15.75
N SER A 116 7.77 -3.67 15.57
CA SER A 116 7.60 -2.21 15.64
C SER A 116 6.80 -1.61 14.49
N LEU A 117 6.63 -2.37 13.40
CA LEU A 117 5.85 -1.91 12.25
C LEU A 117 4.39 -1.68 12.62
N GLY A 118 3.91 -2.42 13.62
CA GLY A 118 2.54 -2.28 14.08
C GLY A 118 2.26 -0.97 14.80
N ALA A 119 3.30 -0.19 15.11
CA ALA A 119 3.12 1.17 15.67
C ALA A 119 2.56 2.15 14.64
N ALA A 120 3.01 2.04 13.39
CA ALA A 120 2.50 2.84 12.25
C ALA A 120 1.14 2.35 11.75
N LYS A 121 0.37 3.26 11.17
CA LYS A 121 -1.03 2.98 10.83
C LYS A 121 -1.44 3.82 9.64
N ARG A 122 -1.65 3.17 8.50
CA ARG A 122 -1.88 3.92 7.25
C ARG A 122 -3.32 4.42 7.18
N SER A 123 -4.23 3.74 7.88
CA SER A 123 -5.63 4.19 7.89
C SER A 123 -6.46 3.66 9.04
N ILE A 124 -7.50 4.40 9.40
CA ILE A 124 -8.65 3.83 10.06
C ILE A 124 -9.70 3.53 8.99
N ALA A 125 -10.76 2.82 9.37
CA ALA A 125 -11.90 2.56 8.48
C ALA A 125 -13.18 3.08 9.12
N LEU A 126 -14.14 3.42 8.26
CA LEU A 126 -15.44 3.90 8.73
C LEU A 126 -16.52 2.95 8.27
N PHE A 127 -17.48 2.72 9.15
CA PHE A 127 -18.75 2.13 8.78
C PHE A 127 -19.81 2.42 9.84
N GLY A 128 -21.02 2.72 9.41
CA GLY A 128 -22.10 3.03 10.34
C GLY A 128 -21.67 4.23 11.18
N ASP A 129 -21.77 4.12 12.50
CA ASP A 129 -21.37 5.22 13.38
C ASP A 129 -20.07 4.87 14.12
N LYS A 130 -19.24 4.06 13.48
CA LYS A 130 -18.02 3.57 14.12
C LYS A 130 -16.76 3.86 13.33
N VAL A 131 -15.66 3.99 14.05
CA VAL A 131 -14.31 4.06 13.50
C VAL A 131 -13.63 2.74 13.86
N TYR A 132 -13.00 2.08 12.89
CA TYR A 132 -12.41 0.75 13.08
C TYR A 132 -10.90 0.80 12.80
N PHE A 133 -10.13 0.19 13.67
CA PHE A 133 -8.69 0.08 13.43
C PHE A 133 -8.18 -1.21 14.04
N VAL A 134 -6.94 -1.57 13.70
CA VAL A 134 -6.27 -2.67 14.37
C VAL A 134 -5.15 -2.09 15.23
N SER A 135 -5.14 -2.51 16.49
CA SER A 135 -4.20 -1.97 17.47
C SER A 135 -2.83 -2.63 17.39
N TRP A 136 -1.85 -2.03 18.07
CA TRP A 136 -0.49 -2.57 18.06
C TRP A 136 -0.47 -3.94 18.70
N ASP A 137 -1.32 -4.13 19.72
CA ASP A 137 -1.50 -5.45 20.33
C ASP A 137 -2.43 -6.44 19.59
N ASN A 138 -2.75 -6.14 18.34
CA ASN A 138 -3.52 -7.04 17.45
C ASN A 138 -4.99 -7.32 17.85
N PHE A 139 -5.65 -6.27 18.36
CA PHE A 139 -7.09 -6.30 18.54
C PHE A 139 -7.74 -5.56 17.37
N VAL A 140 -8.89 -6.05 16.90
CA VAL A 140 -9.73 -5.25 16.04
C VAL A 140 -10.53 -4.37 16.99
N VAL A 141 -10.47 -3.05 16.80
CA VAL A 141 -11.08 -2.13 17.75
C VAL A 141 -12.12 -1.26 17.02
N ALA A 142 -13.29 -1.09 17.65
CA ALA A 142 -14.35 -0.23 17.16
C ALA A 142 -14.55 0.90 18.16
N LEU A 143 -14.43 2.13 17.69
CA LEU A 143 -14.70 3.31 18.50
C LEU A 143 -15.95 3.96 17.98
N ASP A 144 -16.69 4.60 18.88
CA ASP A 144 -17.81 5.46 18.50
C ASP A 144 -17.27 6.64 17.70
N ALA A 145 -17.76 6.80 16.47
CA ALA A 145 -17.30 7.90 15.60
C ALA A 145 -17.57 9.27 16.21
N LYS A 146 -18.60 9.35 17.06
CA LYS A 146 -19.04 10.64 17.56
C LYS A 146 -18.21 11.11 18.74
N THR A 147 -17.59 10.16 19.46
CA THR A 147 -16.89 10.48 20.71
C THR A 147 -15.46 9.96 20.83
N GLY A 148 -15.10 8.98 20.00
CA GLY A 148 -13.80 8.32 20.10
C GLY A 148 -13.72 7.28 21.22
N LYS A 149 -14.83 7.05 21.91
CA LYS A 149 -14.84 6.09 23.00
C LYS A 149 -15.03 4.67 22.49
N LEU A 150 -14.31 3.73 23.10
CA LEU A 150 -14.31 2.34 22.64
C LEU A 150 -15.71 1.73 22.76
N ALA A 151 -16.17 1.14 21.66
CA ALA A 151 -17.46 0.43 21.62
C ALA A 151 -17.28 -1.07 21.88
N TRP A 152 -16.35 -1.68 21.14
CA TRP A 152 -15.94 -3.06 21.39
C TRP A 152 -14.54 -3.30 20.88
N GLU A 153 -13.90 -4.35 21.36
CA GLU A 153 -12.62 -4.76 20.80
C GLU A 153 -12.52 -6.27 20.87
N THR A 154 -11.78 -6.85 19.94
CA THR A 154 -11.64 -8.29 19.88
C THR A 154 -10.18 -8.66 19.65
N ASN A 155 -9.64 -9.47 20.55
CA ASN A 155 -8.26 -9.93 20.43
C ASN A 155 -8.12 -10.98 19.30
N ARG A 156 -7.31 -10.69 18.29
CA ARG A 156 -7.03 -11.71 17.27
C ARG A 156 -5.98 -12.74 17.71
N GLY A 157 -5.23 -12.41 18.76
CA GLY A 157 -4.15 -13.27 19.27
C GLY A 157 -2.73 -12.96 18.77
N GLN A 158 -1.73 -13.48 19.47
CA GLN A 158 -0.31 -13.40 19.05
C GLN A 158 0.29 -11.98 18.91
N GLY A 159 -0.36 -11.00 19.52
CA GLY A 159 0.19 -9.63 19.54
C GLY A 159 1.37 -9.51 20.50
N VAL A 160 2.05 -8.37 20.41
CA VAL A 160 3.09 -7.93 21.38
C VAL A 160 4.36 -8.80 21.27
N GLU A 161 4.64 -9.61 22.30
CA GLU A 161 5.82 -10.44 22.29
C GLU A 161 5.82 -11.47 21.15
N GLU A 162 4.63 -11.79 20.64
CA GLU A 162 4.52 -12.74 19.51
C GLU A 162 4.45 -12.11 18.13
N GLY A 163 4.30 -10.79 18.08
CA GLY A 163 4.60 -9.99 16.89
C GLY A 163 3.62 -9.89 15.73
N VAL A 164 2.40 -10.43 15.89
CA VAL A 164 1.37 -10.21 14.85
C VAL A 164 0.74 -8.83 15.08
N ALA A 165 0.65 -8.05 14.01
CA ALA A 165 0.13 -6.69 14.08
C ALA A 165 -0.44 -6.34 12.71
N ASN A 166 -0.73 -5.06 12.51
CA ASN A 166 -1.33 -4.58 11.29
C ASN A 166 -0.83 -3.15 11.05
N SER A 167 -0.48 -2.83 9.82
CA SER A 167 0.05 -1.49 9.52
C SER A 167 -0.78 -0.68 8.53
N SER A 168 -1.58 -1.37 7.70
CA SER A 168 -2.34 -0.68 6.62
C SER A 168 -3.73 -0.20 7.04
N GLY A 169 -4.37 -0.96 7.94
CA GLY A 169 -5.73 -0.65 8.39
C GLY A 169 -6.75 -1.53 7.65
N PRO A 170 -7.94 -1.68 8.22
CA PRO A 170 -9.01 -2.52 7.66
C PRO A 170 -9.85 -1.78 6.62
N ILE A 171 -10.71 -2.49 5.92
CA ILE A 171 -11.86 -1.84 5.26
C ILE A 171 -13.09 -2.57 5.76
N VAL A 172 -14.25 -1.92 5.68
CA VAL A 172 -15.49 -2.61 6.08
C VAL A 172 -16.38 -2.84 4.85
N VAL A 173 -16.74 -4.11 4.64
CA VAL A 173 -17.50 -4.53 3.47
C VAL A 173 -18.65 -5.40 3.91
N ASP A 174 -19.87 -5.06 3.49
CA ASP A 174 -21.06 -5.88 3.81
C ASP A 174 -21.17 -6.13 5.33
N GLY A 175 -20.81 -5.13 6.15
CA GLY A 175 -20.83 -5.28 7.60
C GLY A 175 -19.74 -6.17 8.19
N VAL A 176 -18.67 -6.39 7.41
CA VAL A 176 -17.54 -7.19 7.85
C VAL A 176 -16.27 -6.34 7.81
N VAL A 177 -15.59 -6.24 8.95
CA VAL A 177 -14.31 -5.57 9.04
C VAL A 177 -13.26 -6.54 8.54
N ILE A 178 -12.59 -6.18 7.46
CA ILE A 178 -11.59 -7.09 6.85
C ILE A 178 -10.22 -6.48 7.12
N ALA A 179 -9.34 -7.24 7.77
CA ALA A 179 -8.02 -6.73 8.14
C ALA A 179 -6.94 -7.80 7.91
N GLY A 180 -5.89 -7.41 7.22
CA GLY A 180 -4.70 -8.25 7.04
C GLY A 180 -3.82 -8.21 8.28
N SER A 181 -2.53 -8.51 8.10
CA SER A 181 -1.60 -8.61 9.20
C SER A 181 -0.16 -8.64 8.71
N THR A 182 0.73 -8.25 9.63
CA THR A 182 2.17 -8.39 9.46
C THR A 182 2.68 -9.24 10.62
N CYS A 183 3.54 -10.20 10.29
CA CYS A 183 4.23 -11.04 11.30
C CYS A 183 5.69 -11.13 10.90
N GLN A 184 6.27 -9.96 10.62
CA GLN A 184 7.62 -9.80 10.04
C GLN A 184 8.75 -10.40 10.87
N PHE A 185 8.53 -10.48 12.18
CA PHE A 185 9.57 -10.92 13.10
C PHE A 185 9.25 -12.27 13.75
N SER A 186 8.24 -12.96 13.22
CA SER A 186 7.76 -14.22 13.82
C SER A 186 8.22 -15.49 13.12
N GLY A 187 8.43 -16.55 13.90
CA GLY A 187 8.69 -17.91 13.35
C GLY A 187 7.44 -18.65 12.88
N PHE A 188 6.54 -17.92 12.23
CA PHE A 188 5.31 -18.45 11.68
C PHE A 188 4.74 -17.43 10.73
N GLY A 189 3.66 -17.82 10.05
CA GLY A 189 2.97 -16.96 9.11
C GLY A 189 1.69 -16.41 9.69
N CYS A 190 1.03 -15.57 8.91
CA CYS A 190 -0.19 -14.97 9.39
C CYS A 190 -1.29 -14.93 8.32
N TYR A 191 -2.17 -13.92 8.35
CA TYR A 191 -3.53 -14.08 7.86
C TYR A 191 -4.27 -12.79 7.50
N VAL A 192 -5.46 -12.97 6.92
CA VAL A 192 -6.49 -11.96 6.79
C VAL A 192 -7.71 -12.49 7.58
N THR A 193 -8.35 -11.61 8.36
CA THR A 193 -9.57 -11.97 9.06
C THR A 193 -10.75 -11.08 8.62
N GLY A 194 -11.95 -11.64 8.71
CA GLY A 194 -13.19 -10.88 8.60
C GLY A 194 -13.89 -10.90 9.95
N THR A 195 -14.30 -9.73 10.44
CA THR A 195 -14.91 -9.60 11.76
C THR A 195 -16.27 -8.90 11.63
N ASP A 196 -17.32 -9.42 12.27
CA ASP A 196 -18.61 -8.74 12.22
C ASP A 196 -18.51 -7.30 12.76
N ALA A 197 -18.96 -6.31 11.96
CA ALA A 197 -18.77 -4.90 12.35
C ALA A 197 -19.63 -4.45 13.53
N GLU A 198 -20.69 -5.19 13.85
CA GLU A 198 -21.55 -4.83 14.97
C GLU A 198 -21.26 -5.65 16.24
N SER A 199 -21.04 -6.96 16.08
CA SER A 199 -20.86 -7.83 17.24
C SER A 199 -19.40 -7.96 17.68
N GLY A 200 -18.47 -7.77 16.75
CA GLY A 200 -17.04 -7.92 17.02
C GLY A 200 -16.54 -9.36 16.90
N GLU A 201 -17.44 -10.26 16.52
CA GLU A 201 -17.13 -11.67 16.41
C GLU A 201 -16.30 -11.96 15.15
N GLU A 202 -15.21 -12.71 15.31
CA GLU A 202 -14.45 -13.14 14.12
C GLU A 202 -15.26 -14.16 13.32
N LEU A 203 -15.41 -13.90 12.02
CA LEU A 203 -16.24 -14.74 11.16
C LEU A 203 -15.40 -15.69 10.32
N TRP A 204 -14.20 -15.23 9.93
CA TRP A 204 -13.29 -16.05 9.13
C TRP A 204 -11.87 -15.60 9.19
N ARG A 205 -10.96 -16.53 8.86
CA ARG A 205 -9.53 -16.27 8.93
C ARG A 205 -8.88 -17.08 7.82
N ASN A 206 -8.22 -16.38 6.91
CA ASN A 206 -7.56 -16.99 5.77
C ASN A 206 -6.07 -17.00 6.00
N THR A 207 -5.44 -18.16 5.91
CA THR A 207 -3.98 -18.26 6.05
C THR A 207 -3.32 -18.57 4.71
N PHE A 208 -1.99 -18.56 4.66
CA PHE A 208 -1.26 -18.65 3.38
C PHE A 208 -0.30 -19.82 3.28
N ILE A 209 0.44 -20.08 4.34
CA ILE A 209 1.40 -21.18 4.37
C ILE A 209 0.68 -22.54 4.37
N PRO A 210 0.99 -23.40 3.39
CA PRO A 210 0.28 -24.69 3.38
C PRO A 210 0.67 -25.53 4.59
N ARG A 211 -0.31 -26.19 5.20
CA ARG A 211 0.00 -27.20 6.20
C ARG A 211 0.57 -28.44 5.51
N PRO A 212 1.33 -29.26 6.26
CA PRO A 212 1.98 -30.43 5.68
C PRO A 212 0.98 -31.33 4.95
N GLY A 213 1.36 -31.74 3.74
CA GLY A 213 0.53 -32.60 2.92
C GLY A 213 -0.64 -31.94 2.24
N GLU A 214 -0.90 -30.66 2.51
CA GLU A 214 -2.07 -30.01 1.93
C GLU A 214 -1.70 -29.34 0.60
N GLU A 215 -2.70 -28.85 -0.13
CA GLU A 215 -2.44 -28.29 -1.47
C GLU A 215 -1.32 -27.25 -1.38
N GLY A 216 -0.32 -27.39 -2.24
CA GLY A 216 0.82 -26.47 -2.31
C GLY A 216 2.01 -26.82 -1.43
N ASP A 217 1.82 -27.73 -0.47
CA ASP A 217 2.88 -28.07 0.48
C ASP A 217 4.16 -28.52 -0.23
N ASP A 218 4.02 -29.22 -1.36
CA ASP A 218 5.18 -29.74 -2.08
C ASP A 218 6.01 -28.69 -2.80
N THR A 219 5.57 -27.43 -2.77
CA THR A 219 6.34 -26.35 -3.39
C THR A 219 7.24 -25.64 -2.38
N TRP A 220 7.37 -26.19 -1.17
CA TRP A 220 8.17 -25.54 -0.14
C TRP A 220 9.53 -26.19 0.04
N GLY A 221 9.90 -27.04 -0.92
CA GLY A 221 11.23 -27.67 -0.91
C GLY A 221 11.58 -28.57 0.24
N GLY A 222 10.57 -29.06 0.97
CA GLY A 222 10.79 -29.96 2.10
C GLY A 222 10.98 -29.28 3.44
N ALA A 223 10.88 -27.95 3.48
CA ALA A 223 11.11 -27.22 4.72
C ALA A 223 10.05 -27.61 5.75
N PRO A 224 10.47 -27.99 6.96
CA PRO A 224 9.50 -28.27 8.03
C PRO A 224 8.55 -27.10 8.21
N TYR A 225 7.27 -27.38 8.47
CA TYR A 225 6.26 -26.34 8.64
C TYR A 225 6.66 -25.24 9.62
N GLU A 226 7.29 -25.62 10.74
CA GLU A 226 7.68 -24.65 11.79
C GLU A 226 8.83 -23.71 11.37
N ASN A 227 9.48 -24.03 10.25
CA ASN A 227 10.53 -23.19 9.69
C ASN A 227 10.04 -22.23 8.60
N ARG A 228 8.73 -22.17 8.40
CA ARG A 228 8.13 -21.35 7.34
C ARG A 228 7.63 -20.09 8.02
N TRP A 229 8.31 -18.97 7.74
CA TRP A 229 8.13 -17.76 8.52
C TRP A 229 7.70 -16.55 7.72
N MET A 230 6.86 -15.73 8.36
CA MET A 230 6.62 -14.32 8.02
C MET A 230 5.65 -14.05 6.88
N THR A 231 5.19 -15.10 6.22
CA THR A 231 4.21 -14.91 5.15
C THR A 231 2.94 -14.29 5.74
N GLY A 232 2.62 -13.08 5.29
CA GLY A 232 1.46 -12.33 5.79
C GLY A 232 0.69 -11.62 4.69
N ALA A 233 -0.08 -10.59 5.05
CA ALA A 233 -0.78 -9.78 4.08
C ALA A 233 -0.91 -8.39 4.68
N TRP A 234 0.18 -7.61 4.63
CA TRP A 234 0.24 -6.35 5.35
C TRP A 234 -0.10 -5.11 4.55
N GLY A 235 -0.27 -5.28 3.24
CA GLY A 235 -0.64 -4.17 2.37
C GLY A 235 -2.12 -3.80 2.40
N GLN A 236 -2.58 -3.10 1.37
CA GLN A 236 -3.89 -2.45 1.38
C GLN A 236 -4.96 -3.33 0.73
N ILE A 237 -6.15 -3.33 1.32
CA ILE A 237 -7.23 -4.19 0.85
C ILE A 237 -8.17 -3.35 -0.02
N THR A 238 -8.60 -3.91 -1.16
CA THR A 238 -9.53 -3.19 -2.03
C THR A 238 -10.74 -4.08 -2.30
N TYR A 239 -11.74 -3.54 -2.98
CA TYR A 239 -13.03 -4.22 -3.11
C TYR A 239 -13.77 -3.67 -4.32
N ASP A 240 -14.45 -4.56 -5.05
CA ASP A 240 -15.41 -4.15 -6.07
C ASP A 240 -16.84 -4.43 -5.64
N PRO A 241 -17.70 -3.39 -5.52
CA PRO A 241 -19.08 -3.66 -5.11
C PRO A 241 -19.89 -4.57 -6.05
N GLU A 242 -19.80 -4.37 -7.37
CA GLU A 242 -20.63 -5.12 -8.33
C GLU A 242 -20.30 -6.62 -8.32
N LEU A 243 -19.01 -6.92 -8.35
CA LEU A 243 -18.56 -8.30 -8.32
C LEU A 243 -18.65 -8.88 -6.91
N ASP A 244 -18.66 -7.98 -5.92
CA ASP A 244 -18.65 -8.35 -4.50
C ASP A 244 -17.43 -9.21 -4.19
N LEU A 245 -16.27 -8.69 -4.56
CA LEU A 245 -15.00 -9.40 -4.39
C LEU A 245 -14.03 -8.48 -3.69
N VAL A 246 -13.48 -8.98 -2.59
CA VAL A 246 -12.40 -8.33 -1.85
C VAL A 246 -11.06 -8.77 -2.43
N TYR A 247 -10.13 -7.82 -2.61
CA TYR A 247 -8.81 -8.14 -3.17
C TYR A 247 -7.68 -7.79 -2.19
N TYR A 248 -6.78 -8.74 -1.97
CA TYR A 248 -5.57 -8.51 -1.19
C TYR A 248 -4.45 -9.42 -1.70
N GLY A 249 -3.22 -9.17 -1.24
CA GLY A 249 -2.09 -9.98 -1.67
C GLY A 249 -1.27 -10.44 -0.49
N SER A 250 -0.70 -11.63 -0.56
CA SER A 250 0.13 -12.15 0.51
C SER A 250 1.58 -11.81 0.18
N THR A 251 2.48 -12.07 1.12
CA THR A 251 3.89 -11.68 0.99
C THR A 251 4.80 -12.90 0.94
N GLY A 252 6.08 -12.68 1.14
CA GLY A 252 7.08 -13.72 0.94
C GLY A 252 7.35 -14.50 2.20
N ALA A 253 8.51 -15.15 2.25
CA ALA A 253 8.93 -15.89 3.45
C ALA A 253 10.35 -15.47 3.83
N GLY A 254 10.66 -15.55 5.12
CA GLY A 254 12.00 -15.19 5.59
C GLY A 254 12.73 -16.40 6.15
N PRO A 255 14.07 -16.39 6.17
CA PRO A 255 14.96 -15.37 5.60
C PRO A 255 14.90 -15.35 4.06
N ALA A 256 15.53 -14.36 3.46
CA ALA A 256 15.40 -14.13 2.03
C ALA A 256 16.00 -15.28 1.22
N SER A 257 17.13 -15.82 1.70
CA SER A 257 17.82 -16.90 0.97
C SER A 257 17.07 -18.22 1.10
N GLU A 258 16.72 -18.81 -0.03
CA GLU A 258 16.03 -20.09 0.01
C GLU A 258 16.93 -21.20 0.53
N VAL A 259 18.24 -21.00 0.43
CA VAL A 259 19.19 -21.95 0.99
C VAL A 259 19.08 -21.92 2.52
N GLN A 260 18.95 -20.72 3.08
CA GLN A 260 18.84 -20.58 4.54
C GLN A 260 17.45 -20.99 5.04
N ARG A 261 16.44 -20.81 4.19
CA ARG A 261 15.08 -21.26 4.49
C ARG A 261 14.94 -22.78 4.48
N GLY A 262 15.79 -23.45 3.69
CA GLY A 262 15.57 -24.86 3.41
C GLY A 262 14.46 -25.08 2.41
N THR A 263 14.28 -24.13 1.48
CA THR A 263 13.26 -24.28 0.44
C THR A 263 13.87 -24.22 -0.97
N GLU A 264 15.05 -24.79 -1.18
CA GLU A 264 15.69 -24.70 -2.49
C GLU A 264 14.78 -25.22 -3.59
N GLY A 265 14.63 -24.43 -4.65
CA GLY A 265 13.80 -24.85 -5.79
C GLY A 265 12.32 -24.61 -5.55
N GLY A 266 11.97 -24.18 -4.34
CA GLY A 266 10.55 -24.08 -3.96
C GLY A 266 9.87 -22.82 -4.45
N THR A 267 8.74 -22.98 -5.14
CA THR A 267 8.02 -21.80 -5.64
C THR A 267 7.14 -21.17 -4.56
N LEU A 268 6.98 -21.91 -3.45
CA LEU A 268 6.34 -21.39 -2.22
C LEU A 268 4.87 -20.98 -2.41
N ALA A 269 4.04 -21.95 -2.76
CA ALA A 269 2.60 -21.71 -2.91
C ALA A 269 2.06 -21.05 -1.65
N GLY A 270 1.17 -20.07 -1.82
CA GLY A 270 0.64 -19.26 -0.72
C GLY A 270 1.32 -17.90 -0.57
N THR A 271 2.59 -17.82 -0.97
CA THR A 271 3.34 -16.57 -0.88
C THR A 271 3.06 -15.68 -2.08
N ASN A 272 3.12 -14.37 -1.86
CA ASN A 272 3.10 -13.36 -2.93
C ASN A 272 2.03 -13.66 -3.97
N THR A 273 0.82 -13.86 -3.47
CA THR A 273 -0.30 -14.30 -4.28
C THR A 273 -1.42 -13.29 -4.14
N ARG A 274 -2.03 -12.98 -5.29
CA ARG A 274 -3.14 -12.05 -5.34
C ARG A 274 -4.45 -12.81 -5.22
N PHE A 275 -5.20 -12.55 -4.14
CA PHE A 275 -6.45 -13.25 -3.87
C PHE A 275 -7.66 -12.37 -4.14
N ALA A 276 -8.73 -12.99 -4.65
CA ALA A 276 -10.03 -12.35 -4.74
C ALA A 276 -10.99 -13.21 -3.91
N VAL A 277 -11.57 -12.64 -2.86
CA VAL A 277 -12.37 -13.44 -1.92
C VAL A 277 -13.75 -12.83 -1.65
N LYS A 278 -14.67 -13.67 -1.19
CA LYS A 278 -16.00 -13.23 -0.80
C LYS A 278 -15.94 -12.62 0.58
N PRO A 279 -16.55 -11.43 0.79
CA PRO A 279 -16.31 -10.71 2.05
C PRO A 279 -16.90 -11.37 3.30
N LYS A 280 -18.03 -12.06 3.16
CA LYS A 280 -18.72 -12.58 4.33
C LYS A 280 -18.10 -13.87 4.85
N THR A 281 -17.38 -14.56 3.98
CA THR A 281 -16.93 -15.91 4.30
C THR A 281 -15.42 -16.11 4.15
N GLY A 282 -14.77 -15.25 3.34
CA GLY A 282 -13.34 -15.44 3.07
C GLY A 282 -13.08 -16.42 1.94
N GLU A 283 -14.16 -16.98 1.37
CA GLU A 283 -14.03 -17.94 0.28
C GLU A 283 -13.19 -17.37 -0.87
N VAL A 284 -12.14 -18.07 -1.27
CA VAL A 284 -11.29 -17.64 -2.38
C VAL A 284 -11.97 -17.96 -3.71
N VAL A 285 -12.16 -16.93 -4.53
CA VAL A 285 -12.84 -17.09 -5.81
C VAL A 285 -11.80 -17.35 -6.91
N TRP A 286 -10.76 -16.54 -6.92
CA TRP A 286 -9.61 -16.75 -7.78
C TRP A 286 -8.34 -16.25 -7.17
N LYS A 287 -7.21 -16.72 -7.67
CA LYS A 287 -5.93 -16.26 -7.14
C LYS A 287 -4.85 -16.43 -8.20
N HIS A 288 -3.76 -15.68 -8.06
CA HIS A 288 -2.65 -15.78 -8.99
C HIS A 288 -1.40 -15.36 -8.29
N GLN A 289 -0.38 -16.20 -8.35
CA GLN A 289 0.91 -15.92 -7.73
C GLN A 289 1.76 -15.03 -8.61
N THR A 290 2.03 -13.83 -8.13
CA THR A 290 2.72 -12.78 -8.93
C THR A 290 4.24 -12.75 -8.74
N LEU A 291 4.76 -13.47 -7.75
CA LEU A 291 6.22 -13.60 -7.57
C LEU A 291 6.51 -14.93 -6.84
N PRO A 292 6.81 -15.99 -7.59
CA PRO A 292 7.14 -17.25 -6.94
C PRO A 292 8.60 -17.28 -6.48
N ARG A 293 8.92 -18.24 -5.62
CA ARG A 293 10.32 -18.50 -5.26
C ARG A 293 11.04 -17.25 -4.73
N ASP A 294 10.33 -16.44 -3.97
CA ASP A 294 10.86 -15.13 -3.58
C ASP A 294 12.18 -15.24 -2.81
N ASN A 295 13.24 -14.62 -3.32
CA ASN A 295 14.48 -14.49 -2.54
C ASN A 295 14.79 -13.01 -2.24
N TRP A 296 13.80 -12.13 -2.39
CA TRP A 296 14.05 -10.68 -2.45
C TRP A 296 13.06 -9.82 -1.71
N ASP A 297 12.36 -10.41 -0.74
CA ASP A 297 11.43 -9.65 0.10
C ASP A 297 10.49 -8.81 -0.78
N SER A 298 9.91 -9.46 -1.80
CA SER A 298 9.16 -8.77 -2.84
C SER A 298 7.73 -8.31 -2.48
N GLU A 299 7.06 -9.02 -1.57
CA GLU A 299 5.80 -8.55 -0.94
C GLU A 299 4.72 -8.08 -1.90
N CYS A 300 4.08 -9.04 -2.56
CA CYS A 300 3.09 -8.71 -3.57
C CYS A 300 1.75 -8.35 -2.89
N THR A 301 1.82 -7.44 -1.91
CA THR A 301 0.69 -7.16 -1.01
C THR A 301 0.08 -5.75 -1.23
N PHE A 302 0.56 -5.01 -2.24
CA PHE A 302 0.15 -3.61 -2.38
C PHE A 302 -1.18 -3.46 -3.07
N GLU A 303 -1.79 -2.27 -2.95
CA GLU A 303 -3.15 -2.09 -3.46
C GLU A 303 -3.23 -2.42 -4.94
N MET A 304 -4.31 -3.08 -5.32
CA MET A 304 -4.62 -3.33 -6.73
C MET A 304 -5.99 -2.73 -7.01
N MET A 305 -6.10 -2.03 -8.14
CA MET A 305 -7.27 -1.22 -8.47
C MET A 305 -8.26 -1.98 -9.33
N VAL A 306 -9.53 -1.65 -9.15
CA VAL A 306 -10.60 -2.17 -10.00
C VAL A 306 -11.02 -1.04 -10.92
N VAL A 307 -10.74 -1.19 -12.21
CA VAL A 307 -11.10 -0.17 -13.19
C VAL A 307 -11.69 -0.83 -14.43
N SER A 308 -12.45 -0.07 -15.20
N SER A 308 -12.47 -0.08 -15.19
CA SER A 308 -12.97 -0.55 -16.48
CA SER A 308 -12.98 -0.54 -16.47
C SER A 308 -12.17 0.09 -17.61
C SER A 308 -12.13 0.08 -17.57
N THR A 309 -11.61 -0.74 -18.47
CA THR A 309 -10.71 -0.25 -19.52
C THR A 309 -10.82 -1.05 -20.80
N SER A 310 -10.60 -0.38 -21.94
N SER A 310 -10.60 -0.38 -21.94
CA SER A 310 -10.37 -1.11 -23.18
CA SER A 310 -10.37 -1.10 -23.18
C SER A 310 -9.09 -1.91 -23.00
C SER A 310 -9.08 -1.89 -23.02
N VAL A 311 -9.05 -3.09 -23.60
CA VAL A 311 -7.89 -3.98 -23.46
C VAL A 311 -7.09 -4.05 -24.77
N ASN A 312 -5.95 -3.36 -24.84
CA ASN A 312 -5.12 -3.34 -26.05
C ASN A 312 -3.61 -3.18 -25.79
N PRO A 313 -3.01 -4.13 -25.05
CA PRO A 313 -1.60 -4.01 -24.72
C PRO A 313 -0.70 -4.06 -25.95
N ASP A 314 0.27 -3.15 -25.98
CA ASP A 314 1.34 -3.13 -26.97
C ASP A 314 2.51 -4.02 -26.54
N ALA A 315 2.72 -5.12 -27.25
CA ALA A 315 3.80 -6.07 -26.95
C ALA A 315 5.19 -5.42 -26.95
N LYS A 316 5.31 -4.31 -27.67
CA LYS A 316 6.54 -3.50 -27.77
C LYS A 316 6.66 -2.35 -26.78
N ALA A 317 5.63 -2.11 -25.97
CA ALA A 317 5.72 -1.09 -24.94
C ALA A 317 6.93 -1.38 -24.06
N ASP A 318 7.63 -0.32 -23.65
CA ASP A 318 8.75 -0.44 -22.73
C ASP A 318 8.36 -1.30 -21.53
N GLY A 319 9.12 -2.36 -21.30
CA GLY A 319 8.94 -3.14 -20.09
C GLY A 319 7.93 -4.25 -20.20
N MET A 320 7.17 -4.29 -21.29
CA MET A 320 6.12 -5.29 -21.43
C MET A 320 6.73 -6.69 -21.34
N MET A 321 6.22 -7.49 -20.40
CA MET A 321 6.78 -8.81 -20.13
C MET A 321 6.17 -9.83 -21.08
N SER A 322 4.85 -9.76 -21.21
CA SER A 322 4.09 -10.67 -22.09
C SER A 322 2.63 -10.25 -22.09
N VAL A 323 1.90 -10.74 -23.09
CA VAL A 323 0.48 -10.47 -23.24
C VAL A 323 -0.23 -11.81 -23.11
N GLY A 324 -1.38 -11.82 -22.45
CA GLY A 324 -2.15 -13.05 -22.22
C GLY A 324 -2.57 -13.76 -23.49
N ALA A 325 -2.51 -15.10 -23.47
CA ALA A 325 -2.94 -15.92 -24.60
C ALA A 325 -4.38 -15.59 -24.97
N ASN A 326 -5.24 -15.37 -23.99
CA ASN A 326 -6.65 -15.18 -24.30
C ASN A 326 -7.11 -13.76 -24.08
N VAL A 327 -6.21 -12.82 -24.30
CA VAL A 327 -6.50 -11.40 -24.10
C VAL A 327 -7.68 -10.99 -25.00
N PRO A 328 -8.75 -10.44 -24.39
CA PRO A 328 -9.91 -10.05 -25.20
C PRO A 328 -9.66 -8.70 -25.90
N ARG A 329 -8.80 -8.71 -26.93
CA ARG A 329 -8.29 -7.46 -27.53
C ARG A 329 -9.40 -6.58 -28.09
N GLY A 330 -9.37 -5.30 -27.73
CA GLY A 330 -10.35 -4.34 -28.23
C GLY A 330 -11.62 -4.25 -27.38
N GLU A 331 -11.80 -5.21 -26.48
CA GLU A 331 -13.00 -5.26 -25.63
C GLU A 331 -12.82 -4.42 -24.36
N THR A 332 -13.93 -4.00 -23.78
CA THR A 332 -13.90 -3.29 -22.51
C THR A 332 -14.14 -4.32 -21.40
N ARG A 333 -13.27 -4.30 -20.40
CA ARG A 333 -13.35 -5.24 -19.27
C ARG A 333 -13.19 -4.49 -17.96
N LYS A 334 -13.86 -4.98 -16.92
CA LYS A 334 -13.52 -4.63 -15.55
C LYS A 334 -12.27 -5.44 -15.16
N VAL A 335 -11.19 -4.74 -14.82
CA VAL A 335 -9.92 -5.40 -14.54
C VAL A 335 -9.42 -5.14 -13.11
N LEU A 336 -8.60 -6.07 -12.62
CA LEU A 336 -7.82 -5.83 -11.42
C LEU A 336 -6.42 -5.49 -11.91
N THR A 337 -5.94 -4.32 -11.58
CA THR A 337 -4.73 -3.85 -12.25
C THR A 337 -3.88 -2.94 -11.34
N GLY A 338 -2.59 -2.88 -11.64
CA GLY A 338 -1.64 -2.10 -10.88
C GLY A 338 -0.39 -2.89 -10.59
N VAL A 339 0.50 -2.29 -9.79
CA VAL A 339 1.77 -2.93 -9.40
C VAL A 339 1.61 -3.57 -8.03
N PRO A 340 1.57 -4.91 -7.96
CA PRO A 340 1.33 -5.50 -6.63
C PRO A 340 2.56 -5.68 -5.73
N CYS A 341 3.76 -5.74 -6.31
CA CYS A 341 4.97 -6.17 -5.59
C CYS A 341 6.00 -5.07 -5.71
N LYS A 342 7.04 -5.14 -4.87
CA LYS A 342 8.12 -4.13 -4.85
C LYS A 342 8.89 -4.11 -6.14
N THR A 343 8.90 -5.26 -6.80
CA THR A 343 9.58 -5.48 -8.09
C THR A 343 9.21 -4.42 -9.13
N GLY A 344 7.98 -3.90 -9.04
CA GLY A 344 7.54 -2.77 -9.88
C GLY A 344 6.88 -3.16 -11.18
N VAL A 345 6.56 -4.44 -11.34
CA VAL A 345 5.87 -4.94 -12.52
C VAL A 345 4.37 -4.71 -12.38
N ALA A 346 3.78 -3.99 -13.34
CA ALA A 346 2.33 -3.79 -13.39
C ALA A 346 1.67 -5.01 -14.02
N TRP A 347 0.55 -5.43 -13.44
CA TRP A 347 -0.22 -6.56 -13.96
C TRP A 347 -1.59 -6.12 -14.32
N GLN A 348 -2.23 -6.83 -15.24
CA GLN A 348 -3.66 -6.66 -15.44
C GLN A 348 -4.36 -8.01 -15.60
N PHE A 349 -5.41 -8.21 -14.81
CA PHE A 349 -6.24 -9.42 -14.82
C PHE A 349 -7.70 -9.05 -15.08
N ASP A 350 -8.47 -9.98 -15.62
CA ASP A 350 -9.92 -9.85 -15.53
C ASP A 350 -10.27 -9.90 -14.03
N ALA A 351 -11.05 -8.92 -13.58
CA ALA A 351 -11.32 -8.74 -12.16
C ALA A 351 -12.19 -9.85 -11.61
N LYS A 352 -13.02 -10.42 -12.47
CA LYS A 352 -13.98 -11.45 -12.08
C LYS A 352 -13.36 -12.85 -12.12
N THR A 353 -12.61 -13.16 -13.16
CA THR A 353 -12.13 -14.52 -13.40
C THR A 353 -10.65 -14.70 -13.06
N GLY A 354 -9.91 -13.59 -13.05
CA GLY A 354 -8.47 -13.67 -12.89
C GLY A 354 -7.66 -14.02 -14.14
N ASP A 355 -8.33 -14.02 -15.30
N ASP A 355 -8.32 -14.04 -15.30
CA ASP A 355 -7.65 -14.23 -16.58
CA ASP A 355 -7.60 -14.28 -16.56
C ASP A 355 -6.53 -13.21 -16.74
C ASP A 355 -6.51 -13.23 -16.70
N TYR A 356 -5.36 -13.69 -17.15
CA TYR A 356 -4.17 -12.84 -17.29
C TYR A 356 -4.19 -12.06 -18.59
N PHE A 357 -4.08 -10.73 -18.51
CA PHE A 357 -4.10 -9.88 -19.71
C PHE A 357 -2.69 -9.44 -20.14
N TRP A 358 -1.92 -8.91 -19.20
CA TRP A 358 -0.52 -8.48 -19.46
C TRP A 358 0.17 -8.07 -18.20
N SER A 359 1.50 -7.94 -18.32
CA SER A 359 2.34 -7.42 -17.24
C SER A 359 3.49 -6.63 -17.86
N LYS A 360 3.99 -5.65 -17.11
CA LYS A 360 4.92 -4.66 -17.65
C LYS A 360 5.83 -4.13 -16.54
N ALA A 361 7.13 -4.33 -16.70
CA ALA A 361 8.13 -3.77 -15.77
C ALA A 361 8.20 -2.26 -15.88
N THR A 362 8.50 -1.60 -14.76
CA THR A 362 8.71 -0.17 -14.74
C THR A 362 10.19 0.11 -14.45
N VAL A 363 10.56 0.11 -13.19
CA VAL A 363 11.95 0.31 -12.78
C VAL A 363 12.80 -0.85 -13.28
N GLU A 364 14.11 -0.66 -13.27
CA GLU A 364 15.02 -1.73 -13.54
C GLU A 364 14.76 -2.84 -12.52
N GLN A 365 14.55 -4.06 -13.01
CA GLN A 365 14.38 -5.23 -12.14
C GLN A 365 15.11 -6.42 -12.75
N ASN A 366 15.70 -7.26 -11.91
CA ASN A 366 16.34 -8.44 -12.42
C ASN A 366 16.02 -9.73 -11.65
N SER A 367 14.96 -9.70 -10.83
CA SER A 367 14.49 -10.93 -10.17
C SER A 367 13.61 -11.83 -11.06
N ILE A 368 12.94 -11.23 -12.03
CA ILE A 368 12.05 -11.97 -12.93
C ILE A 368 12.71 -12.13 -14.30
N ALA A 369 12.98 -13.38 -14.66
CA ALA A 369 13.57 -13.66 -15.97
C ALA A 369 12.55 -13.53 -17.08
N SER A 370 11.34 -14.04 -16.85
CA SER A 370 10.28 -13.99 -17.85
C SER A 370 8.91 -14.18 -17.22
N ILE A 371 7.88 -13.76 -17.94
CA ILE A 371 6.50 -14.09 -17.58
C ILE A 371 5.87 -14.61 -18.86
N ASP A 372 5.29 -15.81 -18.83
CA ASP A 372 4.74 -16.40 -20.04
C ASP A 372 3.33 -15.89 -20.31
N ASP A 373 2.71 -16.36 -21.39
CA ASP A 373 1.40 -15.85 -21.82
C ASP A 373 0.23 -16.34 -20.95
N THR A 374 0.53 -17.04 -19.86
CA THR A 374 -0.49 -17.42 -18.86
C THR A 374 -0.29 -16.62 -17.56
N GLY A 375 0.77 -15.84 -17.50
CA GLY A 375 1.11 -15.11 -16.29
C GLY A 375 1.98 -15.89 -15.33
N LEU A 376 2.54 -16.99 -15.82
CA LEU A 376 3.48 -17.76 -15.00
C LEU A 376 4.86 -17.10 -15.00
N VAL A 377 5.30 -16.71 -13.81
CA VAL A 377 6.61 -16.05 -13.62
C VAL A 377 7.72 -17.07 -13.48
N THR A 378 8.81 -16.87 -14.21
CA THR A 378 10.04 -17.63 -13.97
C THR A 378 11.07 -16.66 -13.40
N VAL A 379 11.60 -16.97 -12.22
CA VAL A 379 12.59 -16.09 -11.62
C VAL A 379 13.97 -16.28 -12.26
N ASN A 380 14.81 -15.27 -12.09
CA ASN A 380 16.19 -15.29 -12.53
C ASN A 380 17.08 -16.11 -11.56
N GLU A 381 17.56 -17.25 -12.04
CA GLU A 381 18.42 -18.13 -11.26
C GLU A 381 19.67 -17.41 -10.71
N ASP A 382 20.15 -16.39 -11.43
CA ASP A 382 21.37 -15.68 -11.02
C ASP A 382 21.20 -14.85 -9.75
N MET A 383 19.96 -14.52 -9.42
CA MET A 383 19.64 -13.68 -8.26
C MET A 383 19.14 -14.47 -7.04
N ILE A 384 18.99 -15.79 -7.19
CA ILE A 384 18.68 -16.66 -6.04
C ILE A 384 19.87 -16.57 -5.09
N LEU A 385 19.60 -16.39 -3.80
CA LEU A 385 20.70 -16.20 -2.84
C LEU A 385 21.27 -17.55 -2.44
N LYS A 386 22.13 -18.09 -3.31
CA LYS A 386 22.63 -19.46 -3.17
C LYS A 386 23.93 -19.58 -2.36
N GLU A 387 24.74 -18.53 -2.36
CA GLU A 387 26.00 -18.53 -1.62
C GLU A 387 25.98 -17.42 -0.58
N PRO A 388 25.83 -17.78 0.72
CA PRO A 388 25.88 -16.77 1.79
C PRO A 388 27.18 -15.97 1.71
N GLY A 389 27.08 -14.66 1.95
CA GLY A 389 28.26 -13.80 1.88
C GLY A 389 28.62 -13.30 0.49
N LYS A 390 28.08 -13.93 -0.56
CA LYS A 390 28.29 -13.44 -1.93
C LYS A 390 27.37 -12.25 -2.12
N THR A 391 27.87 -11.19 -2.74
CA THR A 391 27.02 -10.05 -3.05
C THR A 391 26.26 -10.28 -4.35
N TYR A 392 24.93 -10.23 -4.27
CA TYR A 392 24.07 -10.33 -5.44
C TYR A 392 23.62 -8.94 -5.79
N ASN A 393 23.73 -8.59 -7.06
CA ASN A 393 23.37 -7.24 -7.45
C ASN A 393 21.91 -7.15 -7.93
N TYR A 394 21.02 -7.19 -6.95
CA TYR A 394 19.60 -7.23 -7.18
C TYR A 394 19.09 -5.85 -7.58
N CYS A 395 18.15 -5.83 -8.53
CA CYS A 395 17.32 -4.66 -8.81
C CYS A 395 15.85 -5.10 -8.76
N PRO A 396 14.97 -4.37 -8.04
CA PRO A 396 15.25 -3.11 -7.34
C PRO A 396 15.82 -3.33 -5.92
N THR A 397 15.04 -3.06 -4.87
CA THR A 397 15.51 -3.21 -3.49
C THR A 397 14.38 -3.73 -2.61
N PHE A 398 14.68 -3.99 -1.34
CA PHE A 398 13.65 -4.40 -0.38
C PHE A 398 12.72 -3.23 0.00
N LEU A 399 12.94 -2.06 -0.59
CA LEU A 399 11.98 -0.96 -0.47
C LEU A 399 11.52 -0.48 -1.85
N GLY A 400 11.74 -1.33 -2.85
CA GLY A 400 11.39 -1.02 -4.25
C GLY A 400 12.37 -0.11 -4.97
N GLY A 401 12.04 0.28 -6.21
CA GLY A 401 10.82 -0.16 -6.87
C GLY A 401 9.61 0.58 -6.30
N ARG A 402 8.48 -0.10 -6.13
CA ARG A 402 7.41 0.47 -5.32
C ARG A 402 7.52 -0.12 -3.91
N ASP A 403 6.78 0.45 -2.99
CA ASP A 403 6.59 -0.17 -1.69
C ASP A 403 5.15 0.18 -1.32
N TRP A 404 4.81 0.26 -0.04
CA TRP A 404 3.41 0.57 0.32
C TRP A 404 2.86 1.86 -0.26
N PRO A 405 3.71 2.89 -0.52
CA PRO A 405 3.13 4.16 -1.02
C PRO A 405 2.31 3.97 -2.30
N SER A 406 1.01 4.26 -2.21
CA SER A 406 0.04 3.90 -3.21
C SER A 406 0.02 4.73 -4.49
N ALA A 407 -0.37 4.05 -5.55
CA ALA A 407 -0.69 4.64 -6.85
C ALA A 407 -2.02 5.40 -6.84
N GLY A 408 -2.27 6.14 -7.91
CA GLY A 408 -3.51 6.89 -8.11
C GLY A 408 -3.99 6.66 -9.54
N TYR A 409 -5.29 6.75 -9.76
CA TYR A 409 -5.88 6.57 -11.09
C TYR A 409 -6.46 7.89 -11.61
N LEU A 410 -6.26 8.15 -12.91
CA LEU A 410 -6.85 9.32 -13.58
C LEU A 410 -7.89 8.79 -14.58
N PRO A 411 -9.18 8.77 -14.20
CA PRO A 411 -10.20 8.18 -15.04
C PRO A 411 -10.46 8.88 -16.38
N LYS A 412 -10.22 10.19 -16.46
CA LYS A 412 -10.43 10.92 -17.72
C LYS A 412 -9.44 10.48 -18.78
N SER A 413 -8.21 10.19 -18.36
CA SER A 413 -7.15 9.82 -19.29
C SER A 413 -6.77 8.34 -19.20
N ASN A 414 -7.40 7.61 -18.28
CA ASN A 414 -7.14 6.16 -18.08
C ASN A 414 -5.68 5.91 -17.70
N LEU A 415 -5.10 6.82 -16.89
CA LEU A 415 -3.71 6.66 -16.46
C LEU A 415 -3.57 6.15 -15.03
N TYR A 416 -2.70 5.15 -14.87
CA TYR A 416 -2.31 4.60 -13.59
C TYR A 416 -0.98 5.26 -13.20
N VAL A 417 -1.02 5.96 -12.08
CA VAL A 417 0.08 6.83 -11.65
C VAL A 417 0.73 6.28 -10.40
N ILE A 418 1.99 5.87 -10.53
CA ILE A 418 2.65 5.11 -9.47
C ILE A 418 3.98 5.73 -9.06
N PRO A 419 4.15 5.97 -7.75
CA PRO A 419 5.43 6.47 -7.29
C PRO A 419 6.42 5.31 -7.11
N LEU A 420 7.67 5.56 -7.48
CA LEU A 420 8.72 4.53 -7.62
C LEU A 420 10.07 5.07 -7.18
N SER A 421 10.98 4.17 -6.82
CA SER A 421 12.36 4.52 -6.50
C SER A 421 13.31 3.84 -7.48
N ASN A 422 14.20 4.61 -8.10
CA ASN A 422 15.20 4.12 -9.07
C ASN A 422 16.43 3.56 -8.36
N ALA A 423 16.23 2.50 -7.58
CA ALA A 423 17.25 1.97 -6.72
C ALA A 423 17.50 0.48 -6.98
N CYS A 424 18.75 0.07 -6.76
CA CYS A 424 19.15 -1.34 -6.73
C CYS A 424 19.85 -1.68 -5.43
N TYR A 425 19.93 -2.98 -5.13
CA TYR A 425 20.35 -3.44 -3.81
C TYR A 425 21.51 -4.40 -3.98
N ASP A 426 22.70 -4.02 -3.52
CA ASP A 426 23.82 -4.97 -3.44
C ASP A 426 23.68 -5.76 -2.14
N VAL A 427 23.07 -6.93 -2.25
CA VAL A 427 22.57 -7.66 -1.08
C VAL A 427 23.30 -8.98 -0.89
N MET A 428 23.55 -9.32 0.37
CA MET A 428 24.10 -10.62 0.69
C MET A 428 23.39 -11.25 1.88
N ALA A 429 23.23 -12.57 1.81
CA ALA A 429 22.74 -13.32 2.95
C ALA A 429 23.87 -13.35 3.97
N ARG A 430 23.55 -13.15 5.24
CA ARG A 430 24.54 -13.28 6.31
C ARG A 430 25.03 -14.72 6.40
N THR A 431 26.29 -14.90 6.83
CA THR A 431 26.90 -16.23 6.95
C THR A 431 26.49 -16.94 8.26
N THR A 432 25.92 -16.18 9.18
CA THR A 432 25.41 -16.72 10.44
C THR A 432 23.98 -17.26 10.25
N GLU A 433 23.58 -18.19 11.12
CA GLU A 433 22.26 -18.82 11.06
C GLU A 433 21.10 -17.84 11.23
N ALA A 434 20.08 -17.97 10.37
CA ALA A 434 18.91 -17.10 10.42
C ALA A 434 17.98 -17.50 11.58
N THR A 435 17.54 -16.50 12.34
CA THR A 435 16.44 -16.68 13.30
C THR A 435 15.35 -15.68 12.89
N PRO A 436 14.11 -15.86 13.41
CA PRO A 436 13.05 -14.91 13.05
C PRO A 436 13.42 -13.45 13.36
N ALA A 437 14.18 -13.23 14.44
CA ALA A 437 14.65 -11.89 14.83
C ALA A 437 15.44 -11.20 13.70
N ASP A 438 16.14 -12.01 12.90
CA ASP A 438 16.99 -11.53 11.80
C ASP A 438 16.23 -11.13 10.54
N VAL A 439 14.92 -11.36 10.54
CA VAL A 439 14.07 -10.96 9.42
C VAL A 439 14.52 -11.67 8.12
N TYR A 440 15.09 -10.94 7.15
CA TYR A 440 15.59 -11.58 5.90
C TYR A 440 17.02 -12.11 6.01
N ASN A 441 17.67 -11.79 7.12
CA ASN A 441 19.03 -12.27 7.39
C ASN A 441 20.00 -11.84 6.28
N THR A 442 19.87 -10.58 5.87
CA THR A 442 20.69 -10.02 4.81
C THR A 442 21.36 -8.73 5.26
N ASP A 443 22.47 -8.40 4.62
CA ASP A 443 23.03 -7.07 4.72
C ASP A 443 23.06 -6.52 3.31
N ALA A 444 22.78 -5.23 3.16
CA ALA A 444 22.71 -4.66 1.83
C ALA A 444 23.21 -3.22 1.74
N THR A 445 23.73 -2.86 0.57
CA THR A 445 23.99 -1.46 0.19
C THR A 445 23.03 -1.04 -0.91
N LEU A 446 22.33 0.07 -0.69
CA LEU A 446 21.41 0.63 -1.68
C LEU A 446 22.13 1.59 -2.62
N VAL A 447 21.90 1.43 -3.92
CA VAL A 447 22.56 2.26 -4.93
C VAL A 447 21.51 2.72 -5.94
N LEU A 448 21.84 3.78 -6.67
CA LEU A 448 21.01 4.20 -7.80
C LEU A 448 21.02 3.10 -8.87
N ALA A 449 19.88 2.91 -9.53
CA ALA A 449 19.75 1.97 -10.63
C ALA A 449 20.69 2.38 -11.76
N PRO A 450 21.07 1.43 -12.64
CA PRO A 450 22.08 1.74 -13.67
C PRO A 450 21.66 2.92 -14.57
N GLY A 451 22.53 3.92 -14.67
CA GLY A 451 22.27 5.09 -15.52
C GLY A 451 21.21 6.05 -15.01
N LYS A 452 20.90 5.98 -13.72
CA LYS A 452 19.90 6.87 -13.10
C LYS A 452 20.58 7.82 -12.14
N THR A 453 20.30 9.11 -12.26
CA THR A 453 20.82 10.08 -11.29
C THR A 453 19.68 10.67 -10.46
N ASN A 454 18.45 10.30 -10.80
CA ASN A 454 17.28 10.68 -10.01
C ASN A 454 16.68 9.49 -9.30
N MET A 455 16.63 9.56 -7.98
CA MET A 455 16.08 8.44 -7.21
C MET A 455 14.56 8.40 -7.23
N GLY A 456 13.92 9.57 -7.19
CA GLY A 456 12.46 9.69 -7.10
C GLY A 456 11.82 9.69 -8.49
N ARG A 457 10.69 9.01 -8.61
CA ARG A 457 10.12 8.76 -9.91
C ARG A 457 8.61 8.53 -9.78
N VAL A 458 7.86 9.03 -10.75
CA VAL A 458 6.44 8.71 -10.87
C VAL A 458 6.13 8.39 -12.32
N ASP A 459 5.60 7.18 -12.57
CA ASP A 459 5.25 6.76 -13.93
C ASP A 459 3.75 6.86 -14.09
N ALA A 460 3.32 7.28 -15.28
CA ALA A 460 1.89 7.31 -15.58
C ALA A 460 1.67 6.41 -16.78
N ILE A 461 0.93 5.32 -16.55
CA ILE A 461 0.80 4.22 -17.53
C ILE A 461 -0.64 4.11 -18.03
N ASP A 462 -0.78 4.05 -19.34
CA ASP A 462 -2.06 3.89 -20.01
C ASP A 462 -2.55 2.46 -19.76
N LEU A 463 -3.71 2.33 -19.12
CA LEU A 463 -4.16 0.99 -18.74
C LEU A 463 -4.73 0.17 -19.90
N ALA A 464 -4.94 0.79 -21.04
CA ALA A 464 -5.37 0.09 -22.24
C ALA A 464 -4.19 -0.50 -22.99
N THR A 465 -3.08 0.22 -23.04
CA THR A 465 -1.96 -0.18 -23.93
C THR A 465 -0.72 -0.65 -23.18
N GLY A 466 -0.61 -0.27 -21.91
CA GLY A 466 0.57 -0.51 -21.11
C GLY A 466 1.71 0.47 -21.42
N GLU A 467 1.44 1.47 -22.26
CA GLU A 467 2.44 2.49 -22.61
C GLU A 467 2.61 3.48 -21.47
N THR A 468 3.85 3.83 -21.16
CA THR A 468 4.12 4.89 -20.18
C THR A 468 3.99 6.26 -20.85
N LYS A 469 2.99 7.03 -20.46
CA LYS A 469 2.72 8.30 -21.13
C LYS A 469 3.64 9.41 -20.67
N TRP A 470 3.92 9.42 -19.37
CA TRP A 470 4.94 10.30 -18.84
C TRP A 470 5.60 9.71 -17.62
N SER A 471 6.76 10.26 -17.28
CA SER A 471 7.49 9.86 -16.07
C SER A 471 8.12 11.11 -15.48
N TYR A 472 7.76 11.41 -14.23
CA TYR A 472 8.35 12.50 -13.49
C TYR A 472 9.54 11.94 -12.71
N GLU A 473 10.65 12.69 -12.70
CA GLU A 473 11.82 12.32 -11.93
C GLU A 473 12.29 13.47 -11.07
N THR A 474 12.85 13.14 -9.91
CA THR A 474 13.44 14.14 -9.00
C THR A 474 14.62 13.49 -8.30
N ARG A 475 15.52 14.32 -7.77
CA ARG A 475 16.80 13.82 -7.27
C ARG A 475 16.67 12.76 -6.17
N ALA A 476 15.98 13.12 -5.08
CA ALA A 476 15.81 12.23 -3.93
C ALA A 476 14.55 11.39 -4.06
N ALA A 477 14.51 10.30 -3.30
CA ALA A 477 13.36 9.41 -3.27
C ALA A 477 12.05 10.12 -2.93
N LEU A 478 10.96 9.65 -3.52
CA LEU A 478 9.63 10.18 -3.15
C LEU A 478 9.12 9.36 -1.98
N TYR A 479 8.93 8.06 -2.20
CA TYR A 479 8.51 7.13 -1.14
C TYR A 479 7.28 7.65 -0.40
N ASP A 480 6.29 8.04 -1.19
CA ASP A 480 5.11 8.66 -0.65
C ASP A 480 3.96 8.46 -1.64
N PRO A 481 2.74 8.27 -1.14
CA PRO A 481 1.63 8.05 -2.06
C PRO A 481 1.29 9.24 -2.96
N VAL A 482 0.59 8.94 -4.05
CA VAL A 482 0.02 10.00 -4.90
C VAL A 482 -1.47 10.22 -4.60
N LEU A 483 -1.91 11.44 -4.87
CA LEU A 483 -3.32 11.75 -5.00
C LEU A 483 -3.56 12.28 -6.42
N THR A 484 -4.54 11.70 -7.11
CA THR A 484 -4.96 12.19 -8.42
C THR A 484 -6.28 12.93 -8.23
N THR A 485 -6.52 13.98 -9.04
CA THR A 485 -7.74 14.78 -8.87
C THR A 485 -8.43 15.13 -10.21
N GLY A 486 -9.72 15.44 -10.10
CA GLY A 486 -10.53 15.92 -11.21
C GLY A 486 -10.12 17.28 -11.73
N GLY A 487 -9.23 17.97 -11.02
CA GLY A 487 -8.61 19.20 -11.51
C GLY A 487 -7.38 18.95 -12.36
N ASP A 488 -7.15 17.69 -12.74
CA ASP A 488 -6.01 17.26 -13.58
C ASP A 488 -4.66 17.51 -12.92
N LEU A 489 -4.57 17.14 -11.66
CA LEU A 489 -3.37 17.31 -10.86
C LEU A 489 -2.99 15.97 -10.25
N VAL A 490 -1.69 15.79 -10.02
CA VAL A 490 -1.20 14.67 -9.21
C VAL A 490 -0.43 15.28 -8.05
N PHE A 491 -0.85 15.03 -6.81
CA PHE A 491 -0.07 15.49 -5.66
C PHE A 491 0.83 14.37 -5.14
N VAL A 492 2.05 14.73 -4.71
CA VAL A 492 2.97 13.72 -4.14
C VAL A 492 4.03 14.39 -3.28
N GLY A 493 4.35 13.76 -2.14
CA GLY A 493 5.42 14.23 -1.26
C GLY A 493 6.72 13.49 -1.54
N GLY A 494 7.81 13.96 -0.93
CA GLY A 494 9.10 13.32 -1.10
C GLY A 494 9.98 13.49 0.13
N ILE A 495 11.09 12.77 0.16
CA ILE A 495 12.02 12.90 1.26
C ILE A 495 12.80 14.20 1.15
N ASP A 496 12.74 14.86 -0.01
CA ASP A 496 13.24 16.22 -0.10
C ASP A 496 12.36 17.21 0.69
N ARG A 497 11.26 16.73 1.25
CA ARG A 497 10.34 17.52 2.09
C ARG A 497 9.37 18.37 1.27
N ASP A 498 9.48 18.31 -0.05
CA ASP A 498 8.52 18.99 -0.92
C ASP A 498 7.23 18.21 -1.01
N PHE A 499 6.13 18.94 -0.92
CA PHE A 499 4.80 18.46 -1.24
C PHE A 499 4.47 19.19 -2.52
N ARG A 500 4.34 18.45 -3.62
CA ARG A 500 4.21 19.02 -4.94
C ARG A 500 2.93 18.60 -5.67
N ALA A 501 2.53 19.43 -6.63
CA ALA A 501 1.46 19.11 -7.58
C ALA A 501 2.06 19.02 -8.98
N LEU A 502 1.70 17.96 -9.70
CA LEU A 502 2.13 17.75 -11.08
C LEU A 502 0.95 17.93 -11.99
N ASP A 503 1.19 18.49 -13.17
CA ASP A 503 0.22 18.50 -14.26
C ASP A 503 -0.08 17.05 -14.66
N ALA A 504 -1.35 16.61 -14.53
CA ALA A 504 -1.69 15.21 -14.79
C ALA A 504 -1.48 14.79 -16.24
N GLU A 505 -1.44 15.76 -17.15
CA GLU A 505 -1.28 15.49 -18.57
C GLU A 505 0.18 15.28 -18.96
N SER A 506 1.09 16.00 -18.32
CA SER A 506 2.49 16.05 -18.74
C SER A 506 3.47 15.47 -17.72
N GLY A 507 3.09 15.47 -16.44
CA GLY A 507 3.97 15.05 -15.37
C GLY A 507 4.86 16.16 -14.84
N LYS A 508 4.73 17.35 -15.40
CA LYS A 508 5.55 18.49 -15.01
C LYS A 508 5.07 19.13 -13.72
N GLU A 509 6.00 19.47 -12.83
CA GLU A 509 5.65 20.17 -11.59
C GLU A 509 5.08 21.57 -11.87
N VAL A 510 3.94 21.86 -11.23
CA VAL A 510 3.29 23.17 -11.34
C VAL A 510 3.19 23.94 -10.03
N TRP A 511 3.37 23.26 -8.89
CA TRP A 511 3.42 23.93 -7.57
C TRP A 511 4.08 23.04 -6.57
N SER A 512 4.72 23.66 -5.57
CA SER A 512 5.20 22.90 -4.41
C SER A 512 5.27 23.80 -3.18
N THR A 513 5.23 23.16 -2.03
CA THR A 513 5.55 23.82 -0.78
C THR A 513 6.50 22.87 -0.06
N ARG A 514 7.38 23.39 0.81
CA ARG A 514 8.27 22.53 1.56
C ARG A 514 7.82 22.38 3.01
N LEU A 515 7.49 21.14 3.39
CA LEU A 515 7.03 20.80 4.76
C LEU A 515 8.26 20.58 5.68
N PRO A 516 8.04 20.55 7.01
CA PRO A 516 9.21 20.59 7.92
C PRO A 516 10.05 19.33 7.96
N GLY A 517 9.45 18.18 7.60
CA GLY A 517 10.14 16.89 7.49
C GLY A 517 9.74 16.19 6.22
N ALA A 518 10.39 15.06 5.92
CA ALA A 518 10.04 14.27 4.74
C ALA A 518 8.53 14.06 4.70
N VAL A 519 7.97 14.22 3.52
CA VAL A 519 6.52 14.11 3.35
C VAL A 519 6.18 12.63 3.17
N SER A 520 5.69 12.01 4.24
CA SER A 520 5.79 10.57 4.42
C SER A 520 4.47 9.83 4.37
N GLY A 521 3.38 10.57 4.46
CA GLY A 521 2.05 9.97 4.59
C GLY A 521 1.16 10.22 3.39
N TYR A 522 -0.09 9.82 3.51
CA TYR A 522 -1.05 9.92 2.42
C TYR A 522 -1.55 11.34 2.23
N THR A 523 -1.97 11.61 1.00
CA THR A 523 -2.65 12.86 0.62
C THR A 523 -4.11 12.57 0.25
N THR A 524 -5.02 13.33 0.85
CA THR A 524 -6.44 13.15 0.60
C THR A 524 -7.06 14.52 0.27
N SER A 525 -8.26 14.50 -0.30
CA SER A 525 -8.95 15.77 -0.62
C SER A 525 -10.43 15.61 -0.34
N TYR A 526 -11.04 16.69 0.12
CA TYR A 526 -12.42 16.70 0.54
C TYR A 526 -12.88 18.14 0.44
N SER A 527 -14.16 18.39 0.65
CA SER A 527 -14.64 19.76 0.60
C SER A 527 -15.56 20.05 1.76
N ILE A 528 -15.60 21.30 2.17
CA ILE A 528 -16.53 21.76 3.21
C ILE A 528 -17.03 23.13 2.77
N ASP A 529 -18.34 23.29 2.74
CA ASP A 529 -19.00 24.52 2.32
C ASP A 529 -18.52 24.98 0.94
N GLY A 530 -18.14 24.02 0.09
CA GLY A 530 -17.81 24.30 -1.31
C GLY A 530 -16.32 24.54 -1.51
N ARG A 531 -15.58 24.63 -0.41
CA ARG A 531 -14.15 24.88 -0.47
C ARG A 531 -13.44 23.51 -0.50
N GLN A 532 -12.64 23.29 -1.53
CA GLN A 532 -11.80 22.09 -1.60
C GLN A 532 -10.56 22.19 -0.70
N TYR A 533 -10.31 21.15 0.09
CA TYR A 533 -9.09 21.07 0.90
C TYR A 533 -8.20 19.92 0.44
N VAL A 534 -6.88 20.08 0.55
CA VAL A 534 -5.94 19.01 0.26
C VAL A 534 -5.11 18.78 1.52
N ALA A 535 -5.24 17.58 2.07
CA ALA A 535 -4.62 17.25 3.37
C ALA A 535 -3.53 16.19 3.20
N VAL A 536 -2.34 16.49 3.71
CA VAL A 536 -1.23 15.55 3.63
C VAL A 536 -0.66 15.28 5.04
N VAL A 537 -0.35 14.00 5.28
CA VAL A 537 0.33 13.57 6.49
C VAL A 537 1.83 13.52 6.19
N SER A 538 2.60 14.11 7.09
CA SER A 538 4.01 14.38 6.86
C SER A 538 4.84 14.08 8.12
N GLY A 539 6.14 13.87 7.90
CA GLY A 539 7.10 13.91 9.02
C GLY A 539 8.25 12.94 8.86
N GLY A 540 7.98 11.76 8.34
CA GLY A 540 9.05 10.79 8.09
C GLY A 540 8.61 9.35 8.28
N SER A 541 9.33 8.45 7.61
CA SER A 541 9.09 7.01 7.71
C SER A 541 10.41 6.28 7.61
N LEU A 542 10.38 5.03 7.16
CA LEU A 542 11.62 4.33 6.87
C LEU A 542 12.33 4.87 5.62
N GLY A 543 11.62 5.63 4.79
CA GLY A 543 12.16 6.12 3.50
C GLY A 543 13.37 7.04 3.52
N GLY A 544 13.31 8.07 4.34
CA GLY A 544 14.40 9.02 4.45
C GLY A 544 15.69 8.35 4.90
N PRO A 545 15.64 7.61 6.03
CA PRO A 545 16.86 6.94 6.51
C PRO A 545 17.47 5.99 5.48
N THR A 546 16.63 5.36 4.66
CA THR A 546 17.09 4.34 3.73
C THR A 546 17.61 4.94 2.43
N PHE A 547 16.87 5.90 1.87
CA PHE A 547 17.22 6.41 0.55
C PHE A 547 18.02 7.69 0.61
N GLY A 548 17.85 8.44 1.70
CA GLY A 548 18.56 9.71 1.88
C GLY A 548 20.06 9.72 1.63
N PRO A 549 20.79 8.71 2.15
CA PRO A 549 22.25 8.71 2.02
C PRO A 549 22.78 8.54 0.59
N THR A 550 21.93 8.02 -0.30
CA THR A 550 22.27 7.88 -1.72
C THR A 550 22.29 9.24 -2.39
N THR A 551 21.50 10.18 -1.87
CA THR A 551 21.53 11.55 -2.39
C THR A 551 21.74 12.55 -1.24
N PRO A 552 22.96 12.56 -0.68
CA PRO A 552 23.19 13.37 0.54
C PRO A 552 23.19 14.87 0.27
N ASP A 553 23.25 15.25 -1.01
CA ASP A 553 23.06 16.62 -1.45
C ASP A 553 21.64 17.14 -1.15
N VAL A 554 20.69 16.24 -0.92
CA VAL A 554 19.32 16.63 -0.59
C VAL A 554 19.11 16.63 0.92
N ASP A 555 18.49 17.70 1.43
CA ASP A 555 18.19 17.88 2.87
C ASP A 555 16.90 17.14 3.22
N SER A 556 17.03 15.85 3.56
CA SER A 556 15.90 14.92 3.69
C SER A 556 15.53 14.62 5.15
N ALA A 557 15.73 15.59 6.04
CA ALA A 557 15.44 15.44 7.47
C ALA A 557 14.03 14.93 7.74
N SER A 558 13.90 14.10 8.78
CA SER A 558 12.58 13.72 9.32
C SER A 558 12.26 14.65 10.49
N GLY A 559 10.98 14.81 10.82
CA GLY A 559 10.62 15.64 11.96
C GLY A 559 9.30 16.35 11.77
N ALA A 560 8.72 16.82 12.88
CA ALA A 560 7.49 17.60 12.88
C ALA A 560 6.33 16.82 12.24
N ASN A 561 6.14 15.59 12.70
CA ASN A 561 4.97 14.80 12.28
C ASN A 561 3.70 15.63 12.46
N GLY A 562 2.90 15.66 11.41
CA GLY A 562 1.65 16.39 11.48
C GLY A 562 0.83 16.16 10.22
N ILE A 563 -0.42 16.58 10.31
CA ILE A 563 -1.30 16.74 9.16
C ILE A 563 -1.24 18.21 8.73
N TYR A 564 -1.13 18.43 7.42
CA TYR A 564 -0.95 19.75 6.84
C TYR A 564 -2.01 19.92 5.74
N VAL A 565 -2.78 20.99 5.83
CA VAL A 565 -3.98 21.10 4.99
C VAL A 565 -4.01 22.42 4.23
N PHE A 566 -4.23 22.33 2.92
CA PHE A 566 -4.09 23.44 1.99
C PHE A 566 -5.39 23.72 1.26
N ALA A 567 -5.59 24.96 0.84
CA ALA A 567 -6.75 25.33 0.05
C ALA A 567 -6.44 26.64 -0.65
N LEU A 568 -7.27 27.00 -1.62
CA LEU A 568 -7.16 28.32 -2.25
C LEU A 568 -7.60 29.40 -1.27
N PRO A 569 -7.01 30.61 -1.38
CA PRO A 569 -7.43 31.75 -0.53
C PRO A 569 -8.93 31.99 -0.61
N GLU A 570 -9.54 32.40 0.50
CA GLU A 570 -10.98 32.66 0.56
C GLU A 570 -11.37 33.76 -0.43
CA CA B . 8.33 -7.42 4.55
N1 PQQ C . 6.79 -1.07 6.12
C2 PQQ C . 7.46 -0.09 5.46
C2X PQQ C . 7.32 1.35 5.73
O2A PQQ C . 7.96 2.17 5.02
O2B PQQ C . 6.63 1.68 6.72
C3 PQQ C . 8.37 -0.58 4.52
C3A PQQ C . 8.21 -1.98 4.62
C1A PQQ C . 7.19 -2.27 5.65
C4 PQQ C . 8.87 -3.09 3.89
O4 PQQ C . 9.75 -2.86 3.01
C5 PQQ C . 8.47 -4.46 4.24
O5 PQQ C . 9.01 -5.41 3.63
C6A PQQ C . 7.44 -4.68 5.30
N6 PQQ C . 7.04 -5.91 5.64
C7 PQQ C . 6.12 -6.32 6.53
C7X PQQ C . 5.92 -7.80 6.69
O7A PQQ C . 5.17 -8.28 7.58
O7B PQQ C . 6.59 -8.58 5.96
C8 PQQ C . 5.46 -5.33 7.25
C9 PQQ C . 5.77 -3.97 7.03
C9X PQQ C . 4.91 -3.01 7.75
O9A PQQ C . 3.86 -3.56 8.18
O9B PQQ C . 5.07 -1.77 7.69
C9A PQQ C . 6.78 -3.55 6.00
ZN ZN D . -3.74 -17.07 -12.96
ZN ZN E . 2.27 1.34 -28.33
ZN ZN F . -23.06 9.70 2.69
ZN ZN G . 9.15 22.42 -6.25
CL CL H . -22.52 12.06 3.02
C1 PPI I . -3.67 -18.94 -14.36
C2 PPI I . -3.58 -19.95 -15.48
C3 PPI I . -4.34 -21.23 -15.18
O1 PPI I . -2.60 -18.43 -13.95
O2 PPI I . -4.78 -18.57 -13.88
#